data_8D91
#
_entry.id   8D91
#
_cell.length_a   45.653
_cell.length_b   81.850
_cell.length_c   81.311
_cell.angle_alpha   90.000
_cell.angle_beta   99.610
_cell.angle_gamma   90.000
#
_symmetry.space_group_name_H-M   'P 1 21 1'
#
loop_
_entity.id
_entity.type
_entity.pdbx_description
1 polymer ChoE
2 non-polymer 'ACETATE ION'
3 non-polymer 'TETRAETHYLAMMONIUM ION'
4 water water
#
_entity_poly.entity_id   1
_entity_poly.type   'polypeptide(L)'
_entity_poly.pdbx_seq_one_letter_code
;HTSPLLAPVRQIHAFGDSYSDNGESQRLTREMLAKGIAGAQALPGEVYWQGRWSNGPTAVEVLARQLGAQLADHAVGGAK
SGADNYYGWMSAYRHTGLAGQVDAYLATLDGKPVDGQALHFIFVSANDFFEHEDFAGEQPLEQLAGSSVANIRAAVQRLG
EAGARRFLVVSSTDLSVVPAVVAGNRVERAQRYLQAVNASLPIQLAALRKTRGLELSWFDHLTFSRHLRRNPARYGLVEL
DAPCQPTQPSVRPACANPDQYYFWDEWHPTRRVHQLAGEAMAARYAR
;
_entity_poly.pdbx_strand_id   A,B
#
loop_
_chem_comp.id
_chem_comp.type
_chem_comp.name
_chem_comp.formula
ACT non-polymer 'ACETATE ION' 'C2 H3 O2 -1'
NET non-polymer 'TETRAETHYLAMMONIUM ION' 'C8 H20 N 1'
#
# COMPACT_ATOMS: atom_id res chain seq x y z
N THR A 2 -4.58 -15.70 -20.02
CA THR A 2 -4.25 -15.30 -18.65
C THR A 2 -5.23 -14.19 -18.23
N SER A 3 -5.36 -13.97 -16.91
CA SER A 3 -6.25 -12.98 -16.25
C SER A 3 -5.45 -11.70 -16.03
N PRO A 4 -6.11 -10.59 -15.67
CA PRO A 4 -5.39 -9.38 -15.28
C PRO A 4 -4.49 -9.62 -14.08
N LEU A 5 -3.35 -9.01 -14.05
CA LEU A 5 -2.48 -9.07 -12.89
C LEU A 5 -3.21 -8.46 -11.71
N LEU A 6 -2.83 -8.99 -10.54
CA LEU A 6 -3.37 -8.49 -9.30
C LEU A 6 -2.71 -7.15 -8.96
N ALA A 7 -3.31 -6.40 -8.05
CA ALA A 7 -2.80 -5.07 -7.69
C ALA A 7 -1.44 -5.15 -6.99
N PRO A 8 -0.64 -4.09 -7.08
CA PRO A 8 0.67 -4.07 -6.44
C PRO A 8 0.64 -4.33 -4.92
N VAL A 9 1.78 -4.75 -4.41
CA VAL A 9 2.01 -5.13 -3.01
C VAL A 9 3.13 -4.27 -2.42
N ARG A 10 2.84 -3.62 -1.31
CA ARG A 10 3.88 -2.81 -0.62
C ARG A 10 4.31 -3.38 0.73
N GLN A 11 3.54 -4.29 1.28
CA GLN A 11 3.86 -4.96 2.56
C GLN A 11 3.45 -6.42 2.51
N ILE A 12 4.38 -7.28 2.90
CA ILE A 12 4.09 -8.71 3.06
C ILE A 12 4.23 -9.05 4.55
N HIS A 13 3.33 -9.85 5.00
CA HIS A 13 3.43 -10.58 6.27
C HIS A 13 3.50 -12.04 5.91
N ALA A 14 4.61 -12.68 6.20
CA ALA A 14 4.86 -14.07 5.81
C ALA A 14 4.77 -14.97 7.05
N PHE A 15 4.12 -16.09 6.84
CA PHE A 15 3.90 -17.16 7.83
C PHE A 15 4.36 -18.47 7.21
N GLY A 16 5.04 -19.30 7.97
CA GLY A 16 5.57 -20.50 7.34
C GLY A 16 6.68 -21.12 8.15
N ASP A 17 7.48 -21.87 7.42
CA ASP A 17 8.47 -22.83 7.96
C ASP A 17 9.88 -22.40 7.43
N SER A 18 10.80 -23.38 7.37
CA SER A 18 12.19 -23.13 6.86
C SER A 18 12.22 -22.73 5.39
N TYR A 19 11.13 -22.97 4.61
CA TYR A 19 11.18 -22.55 3.21
C TYR A 19 10.99 -21.03 3.11
N SER A 20 10.62 -20.37 4.20
CA SER A 20 10.42 -18.91 4.26
C SER A 20 11.27 -18.14 5.32
N ASP A 21 11.58 -18.78 6.45
CA ASP A 21 12.26 -18.19 7.62
C ASP A 21 13.47 -17.35 7.15
N ASN A 22 13.55 -16.11 7.59
CA ASN A 22 14.71 -15.22 7.28
C ASN A 22 15.43 -14.82 8.56
N GLY A 23 15.31 -15.63 9.58
CA GLY A 23 16.14 -15.44 10.80
C GLY A 23 15.40 -15.70 12.08
N GLU A 24 14.07 -16.00 12.08
CA GLU A 24 13.34 -16.18 13.35
C GLU A 24 13.85 -17.44 14.07
N SER A 25 14.09 -18.55 13.44
CA SER A 25 14.51 -19.78 14.20
C SER A 25 15.85 -19.45 14.89
N GLN A 26 16.70 -18.71 14.21
CA GLN A 26 18.02 -18.33 14.78
C GLN A 26 17.77 -17.47 15.98
N ARG A 27 16.99 -16.43 15.84
CA ARG A 27 16.78 -15.52 16.98
C ARG A 27 16.16 -16.28 18.16
N LEU A 28 15.12 -17.08 17.90
CA LEU A 28 14.39 -17.75 18.96
C LEU A 28 15.23 -18.81 19.63
N THR A 29 16.05 -19.56 18.90
CA THR A 29 16.85 -20.62 19.52
C THR A 29 17.97 -19.95 20.29
N ARG A 30 18.46 -18.80 19.87
CA ARG A 30 19.49 -18.10 20.73
C ARG A 30 18.81 -17.72 22.05
N GLU A 31 17.61 -17.20 22.03
CA GLU A 31 16.86 -16.77 23.22
C GLU A 31 16.67 -18.02 24.10
N MET A 32 16.22 -19.14 23.54
CA MET A 32 16.00 -20.36 24.33
C MET A 32 17.30 -20.91 24.92
N LEU A 33 18.39 -20.92 24.15
CA LEU A 33 19.67 -21.37 24.71
C LEU A 33 20.05 -20.48 25.88
N ALA A 34 19.88 -19.17 25.78
CA ALA A 34 20.28 -18.25 26.85
C ALA A 34 19.47 -18.54 28.12
N LYS A 35 18.23 -18.95 28.00
CA LYS A 35 17.37 -19.21 29.17
C LYS A 35 17.54 -20.66 29.62
N GLY A 36 18.31 -21.48 28.94
CA GLY A 36 18.60 -22.85 29.37
C GLY A 36 17.41 -23.75 29.16
N ILE A 37 16.63 -23.51 28.12
CA ILE A 37 15.47 -24.38 27.84
C ILE A 37 15.98 -25.78 27.49
N ALA A 38 15.39 -26.78 28.14
CA ALA A 38 15.68 -28.21 27.95
C ALA A 38 15.60 -28.60 26.47
N GLY A 39 16.69 -29.13 25.92
CA GLY A 39 16.73 -29.73 24.56
C GLY A 39 16.97 -28.71 23.47
N ALA A 40 16.99 -27.44 23.80
CA ALA A 40 17.32 -26.41 22.80
C ALA A 40 18.59 -26.68 22.04
N GLN A 41 18.61 -26.28 20.79
CA GLN A 41 19.75 -26.42 19.84
C GLN A 41 19.84 -25.12 19.08
N ALA A 42 21.04 -24.71 18.70
CA ALA A 42 21.25 -23.51 17.86
C ALA A 42 20.78 -23.92 16.45
N LEU A 43 19.79 -23.25 15.92
CA LEU A 43 19.28 -23.50 14.57
C LEU A 43 19.45 -22.22 13.77
N PRO A 44 19.66 -22.31 12.45
CA PRO A 44 19.76 -23.58 11.75
C PRO A 44 21.07 -24.33 11.90
N GLY A 45 22.12 -23.61 12.29
CA GLY A 45 23.48 -24.20 12.40
C GLY A 45 24.48 -23.41 11.57
N GLU A 46 25.70 -23.91 11.54
CA GLU A 46 26.84 -23.11 11.02
C GLU A 46 26.95 -23.18 9.48
N VAL A 47 26.33 -24.15 8.80
CA VAL A 47 26.58 -24.30 7.32
C VAL A 47 25.40 -23.68 6.55
N TYR A 48 24.86 -22.63 7.11
CA TYR A 48 23.70 -21.89 6.54
C TYR A 48 24.04 -20.43 6.46
N TRP A 49 23.41 -19.72 5.58
CA TRP A 49 23.58 -18.29 5.28
C TRP A 49 22.70 -17.38 6.16
N GLN A 50 23.33 -16.63 7.08
CA GLN A 50 22.68 -15.55 7.85
C GLN A 50 21.31 -16.05 8.40
N GLY A 51 21.27 -17.25 9.00
CA GLY A 51 20.12 -17.72 9.76
C GLY A 51 19.06 -18.33 8.84
N ARG A 52 19.26 -18.23 7.55
CA ARG A 52 18.26 -18.93 6.65
C ARG A 52 18.62 -20.40 6.51
N TRP A 53 17.61 -21.27 6.29
CA TRP A 53 17.90 -22.70 6.12
C TRP A 53 18.26 -22.95 4.65
N SER A 54 19.23 -22.25 4.15
CA SER A 54 19.68 -22.29 2.74
C SER A 54 21.03 -21.55 2.64
N ASN A 55 21.50 -21.36 1.42
CA ASN A 55 22.75 -20.59 1.20
C ASN A 55 22.43 -19.17 0.72
N GLY A 56 21.23 -18.71 0.91
CA GLY A 56 20.81 -17.39 0.50
C GLY A 56 19.34 -17.13 0.82
N PRO A 57 18.82 -16.01 0.33
CA PRO A 57 17.48 -15.56 0.67
C PRO A 57 16.43 -16.59 0.28
N THR A 58 15.45 -16.70 1.13
CA THR A 58 14.29 -17.55 0.80
C THR A 58 13.37 -16.93 -0.24
N ALA A 59 12.50 -17.78 -0.81
CA ALA A 59 11.63 -17.34 -1.93
C ALA A 59 10.81 -16.12 -1.55
N VAL A 60 10.28 -16.02 -0.34
CA VAL A 60 9.42 -14.85 0.00
C VAL A 60 10.28 -13.57 0.06
N GLU A 61 11.54 -13.70 0.42
CA GLU A 61 12.42 -12.53 0.40
C GLU A 61 12.58 -12.05 -1.03
N VAL A 62 12.75 -12.99 -1.96
CA VAL A 62 12.89 -12.64 -3.40
C VAL A 62 11.59 -12.04 -3.88
N LEU A 63 10.47 -12.66 -3.54
CA LEU A 63 9.13 -12.16 -3.91
C LEU A 63 8.99 -10.70 -3.46
N ALA A 64 9.35 -10.38 -2.22
CA ALA A 64 9.23 -8.99 -1.71
C ALA A 64 10.10 -8.03 -2.55
N ARG A 65 11.30 -8.47 -2.90
CA ARG A 65 12.21 -7.63 -3.73
C ARG A 65 11.56 -7.43 -5.09
N GLN A 66 11.04 -8.46 -5.68
CA GLN A 66 10.43 -8.37 -7.04
C GLN A 66 9.23 -7.41 -7.04
N LEU A 67 8.45 -7.41 -5.98
CA LEU A 67 7.17 -6.64 -5.95
C LEU A 67 7.38 -5.23 -5.44
N GLY A 68 8.54 -4.92 -4.90
CA GLY A 68 8.80 -3.63 -4.27
C GLY A 68 8.10 -3.49 -2.94
N ALA A 69 8.10 -4.56 -2.15
CA ALA A 69 7.35 -4.63 -0.89
C ALA A 69 8.31 -4.78 0.29
N GLN A 70 7.98 -4.22 1.41
CA GLN A 70 8.60 -4.54 2.70
C GLN A 70 8.12 -5.89 3.18
N LEU A 71 8.97 -6.58 3.92
CA LEU A 71 8.66 -7.94 4.41
C LEU A 71 8.79 -7.99 5.92
N ALA A 72 7.73 -8.46 6.56
CA ALA A 72 7.69 -8.88 8.00
C ALA A 72 7.56 -10.39 7.95
N ASP A 73 8.63 -11.09 8.22
CA ASP A 73 8.71 -12.55 8.04
C ASP A 73 8.63 -13.20 9.38
N HIS A 74 7.49 -13.77 9.67
CA HIS A 74 7.14 -14.44 10.94
C HIS A 74 7.43 -15.92 10.88
N ALA A 75 7.81 -16.45 9.71
CA ALA A 75 8.06 -17.92 9.60
C ALA A 75 9.18 -18.39 10.48
N VAL A 76 9.05 -19.61 10.96
CA VAL A 76 9.98 -20.27 11.87
C VAL A 76 10.34 -21.62 11.32
N GLY A 77 11.59 -21.94 11.12
CA GLY A 77 11.98 -23.25 10.70
C GLY A 77 11.45 -24.32 11.61
N GLY A 78 10.89 -25.40 11.01
CA GLY A 78 10.28 -26.50 11.78
C GLY A 78 8.74 -26.33 11.94
N ALA A 79 8.19 -25.17 11.60
CA ALA A 79 6.78 -24.85 11.92
C ALA A 79 5.89 -25.88 11.28
N LYS A 80 4.98 -26.34 12.08
CA LYS A 80 3.81 -27.12 11.55
C LYS A 80 2.64 -26.22 11.24
N SER A 81 1.59 -26.80 10.61
CA SER A 81 0.38 -26.04 10.20
C SER A 81 -0.45 -25.62 11.40
N GLY A 82 -0.35 -26.37 12.49
CA GLY A 82 -1.07 -26.09 13.73
C GLY A 82 -0.26 -25.19 14.66
N ALA A 83 -0.34 -25.45 15.96
CA ALA A 83 0.31 -24.55 16.94
C ALA A 83 1.78 -24.77 17.05
N ASP A 84 2.29 -25.97 16.83
CA ASP A 84 3.67 -26.25 17.28
C ASP A 84 4.63 -26.52 16.13
N ASN A 85 5.82 -26.99 16.52
CA ASN A 85 6.95 -27.20 15.65
C ASN A 85 7.39 -28.65 15.59
N TYR A 86 8.12 -29.03 14.53
CA TYR A 86 8.82 -30.29 14.44
C TYR A 86 9.65 -30.52 15.72
N TYR A 87 10.27 -29.45 16.18
CA TYR A 87 11.08 -29.45 17.44
C TYR A 87 10.11 -29.35 18.62
N GLY A 88 9.88 -30.45 19.32
CA GLY A 88 8.91 -30.52 20.41
C GLY A 88 9.30 -29.71 21.61
N TRP A 89 10.61 -29.56 21.78
CA TRP A 89 11.19 -28.77 22.89
C TRP A 89 10.94 -27.29 22.79
N MET A 90 10.43 -26.76 21.67
CA MET A 90 10.03 -25.34 21.60
C MET A 90 8.65 -25.08 22.25
N SER A 91 7.76 -26.08 22.34
CA SER A 91 6.31 -25.87 22.68
C SER A 91 6.15 -25.29 24.09
N ALA A 92 7.00 -25.66 25.04
CA ALA A 92 6.88 -25.16 26.44
C ALA A 92 7.38 -23.72 26.53
N TYR A 93 8.03 -23.21 25.49
CA TYR A 93 8.52 -21.83 25.39
C TYR A 93 7.60 -20.98 24.52
N ARG A 94 7.31 -21.45 23.28
CA ARG A 94 6.55 -20.61 22.35
C ARG A 94 5.92 -21.56 21.35
N HIS A 95 4.72 -21.22 20.95
CA HIS A 95 3.99 -21.94 19.87
C HIS A 95 4.35 -21.31 18.55
N THR A 96 5.17 -22.02 17.78
CA THR A 96 5.80 -21.47 16.57
C THR A 96 5.23 -22.04 15.27
N GLY A 97 4.25 -22.88 15.38
CA GLY A 97 3.49 -23.34 14.19
C GLY A 97 2.73 -22.18 13.58
N LEU A 98 2.09 -22.42 12.40
CA LEU A 98 1.36 -21.34 11.71
C LEU A 98 0.36 -20.74 12.71
N ALA A 99 -0.40 -21.56 13.47
CA ALA A 99 -1.46 -21.04 14.37
C ALA A 99 -0.82 -20.12 15.39
N GLY A 100 0.34 -20.50 15.85
CA GLY A 100 1.04 -19.63 16.84
C GLY A 100 1.60 -18.36 16.28
N GLN A 101 2.10 -18.42 15.04
CA GLN A 101 2.52 -17.20 14.34
C GLN A 101 1.34 -16.26 14.12
N VAL A 102 0.19 -16.82 13.74
CA VAL A 102 -0.93 -15.90 13.53
C VAL A 102 -1.38 -15.28 14.85
N ASP A 103 -1.42 -16.05 15.89
CA ASP A 103 -1.81 -15.53 17.23
C ASP A 103 -0.83 -14.41 17.59
N ALA A 104 0.46 -14.62 17.40
CA ALA A 104 1.43 -13.60 17.87
C ALA A 104 1.36 -12.36 17.02
N TYR A 105 1.12 -12.46 15.71
CA TYR A 105 0.94 -11.31 14.82
C TYR A 105 -0.28 -10.49 15.30
N LEU A 106 -1.39 -11.16 15.52
CA LEU A 106 -2.63 -10.43 15.92
C LEU A 106 -2.46 -9.85 17.31
N ALA A 107 -1.68 -10.45 18.18
CA ALA A 107 -1.45 -9.90 19.55
C ALA A 107 -0.48 -8.75 19.55
N THR A 108 0.30 -8.49 18.51
CA THR A 108 1.34 -7.44 18.47
C THR A 108 0.91 -6.29 17.59
N LEU A 109 -0.34 -6.29 17.17
CA LEU A 109 -1.05 -5.05 16.90
C LEU A 109 -1.70 -4.87 18.26
N ASP A 110 -1.69 -3.66 18.76
CA ASP A 110 -2.11 -3.39 20.15
C ASP A 110 -3.66 -3.40 20.22
N GLY A 111 -4.33 -3.73 19.10
CA GLY A 111 -5.67 -3.20 18.78
C GLY A 111 -5.69 -2.34 17.51
N LYS A 112 -4.51 -1.87 17.03
CA LYS A 112 -4.33 -1.01 15.81
C LYS A 112 -4.61 -1.86 14.56
N PRO A 113 -5.27 -1.40 13.47
CA PRO A 113 -5.89 -2.39 12.57
C PRO A 113 -4.85 -3.17 11.76
N VAL A 114 -5.31 -4.34 11.33
CA VAL A 114 -4.59 -5.10 10.27
C VAL A 114 -4.54 -4.21 9.04
N ASP A 115 -3.46 -4.29 8.28
CA ASP A 115 -3.36 -3.54 7.01
C ASP A 115 -4.07 -4.34 5.93
N GLY A 116 -5.25 -3.89 5.52
CA GLY A 116 -6.04 -4.50 4.46
C GLY A 116 -5.38 -4.56 3.08
N GLN A 117 -4.31 -3.79 2.90
CA GLN A 117 -3.56 -3.81 1.65
C GLN A 117 -2.36 -4.78 1.72
N ALA A 118 -1.99 -5.20 2.91
CA ALA A 118 -0.79 -6.09 3.06
C ALA A 118 -1.11 -7.48 2.55
N LEU A 119 -0.14 -8.10 1.89
CA LEU A 119 -0.30 -9.48 1.41
C LEU A 119 0.13 -10.43 2.53
N HIS A 120 -0.75 -11.32 2.89
CA HIS A 120 -0.56 -12.35 3.93
C HIS A 120 -0.15 -13.65 3.25
N PHE A 121 1.11 -13.93 3.31
CA PHE A 121 1.76 -15.02 2.59
C PHE A 121 1.83 -16.21 3.54
N ILE A 122 1.36 -17.37 3.13
CA ILE A 122 1.33 -18.61 3.94
C ILE A 122 1.98 -19.75 3.14
N PHE A 123 3.00 -20.37 3.78
CA PHE A 123 3.76 -21.42 3.13
C PHE A 123 4.10 -22.45 4.17
N VAL A 124 3.30 -23.46 4.39
CA VAL A 124 3.53 -24.47 5.46
C VAL A 124 2.89 -25.79 5.04
N SER A 125 3.34 -26.84 5.71
CA SER A 125 2.76 -28.20 5.72
C SER A 125 3.84 -29.27 5.68
N ALA A 126 5.06 -28.94 5.20
CA ALA A 126 6.10 -29.96 5.10
C ALA A 126 6.38 -30.61 6.45
N ASN A 127 6.45 -29.82 7.53
CA ASN A 127 6.81 -30.39 8.84
C ASN A 127 5.73 -31.27 9.40
N ASP A 128 4.46 -31.11 8.97
CA ASP A 128 3.42 -32.06 9.37
C ASP A 128 3.79 -33.47 8.90
N PHE A 129 4.26 -33.55 7.66
CA PHE A 129 4.73 -34.84 7.12
C PHE A 129 6.02 -35.27 7.73
N PHE A 130 7.05 -34.40 7.84
CA PHE A 130 8.36 -34.82 8.35
C PHE A 130 8.21 -35.27 9.81
N GLU A 131 7.44 -34.56 10.62
CA GLU A 131 7.21 -35.00 12.01
C GLU A 131 6.52 -36.32 12.06
N HIS A 132 5.50 -36.54 11.27
CA HIS A 132 4.76 -37.79 11.26
C HIS A 132 5.70 -38.93 10.88
N GLU A 133 6.55 -38.78 9.87
CA GLU A 133 7.44 -39.89 9.43
C GLU A 133 8.56 -40.10 10.44
N ASP A 134 9.09 -39.04 10.99
CA ASP A 134 10.32 -39.22 11.80
C ASP A 134 9.96 -39.79 13.17
N PHE A 135 8.79 -39.48 13.73
CA PHE A 135 8.36 -39.87 15.11
C PHE A 135 7.17 -40.83 15.06
N ALA A 136 6.95 -41.54 13.95
CA ALA A 136 5.91 -42.59 13.84
C ALA A 136 4.54 -42.07 14.29
N GLY A 137 4.04 -40.99 13.70
CA GLY A 137 2.68 -40.51 13.96
C GLY A 137 1.67 -41.57 13.54
N GLU A 138 0.45 -41.49 14.06
CA GLU A 138 -0.45 -42.67 13.97
C GLU A 138 -1.59 -42.42 13.00
N GLN A 139 -1.93 -41.17 12.73
CA GLN A 139 -2.89 -40.78 11.66
C GLN A 139 -2.48 -41.49 10.38
N PRO A 140 -3.40 -42.11 9.65
CA PRO A 140 -3.21 -42.38 8.23
C PRO A 140 -2.81 -41.08 7.51
N LEU A 141 -2.03 -41.18 6.44
CA LEU A 141 -1.55 -39.97 5.73
C LEU A 141 -2.71 -39.15 5.23
N GLU A 142 -3.80 -39.81 4.86
CA GLU A 142 -4.94 -39.06 4.34
C GLU A 142 -5.55 -38.18 5.43
N GLN A 143 -5.58 -38.62 6.67
CA GLN A 143 -6.11 -37.84 7.80
C GLN A 143 -5.10 -36.74 8.14
N LEU A 144 -3.82 -37.06 7.98
CA LEU A 144 -2.80 -36.05 8.28
C LEU A 144 -3.02 -34.93 7.25
N ALA A 145 -3.15 -35.26 5.99
CA ALA A 145 -3.35 -34.24 4.94
C ALA A 145 -4.62 -33.42 5.24
N GLY A 146 -5.68 -34.11 5.65
CA GLY A 146 -6.93 -33.38 5.96
C GLY A 146 -6.71 -32.40 7.10
N SER A 147 -5.85 -32.76 8.08
CA SER A 147 -5.59 -31.84 9.22
C SER A 147 -4.74 -30.62 8.79
N SER A 148 -3.77 -30.88 7.88
CA SER A 148 -2.95 -29.81 7.33
C SER A 148 -3.84 -28.82 6.60
N VAL A 149 -4.75 -29.30 5.75
CA VAL A 149 -5.60 -28.39 4.98
C VAL A 149 -6.50 -27.59 5.95
N ALA A 150 -7.10 -28.29 6.92
CA ALA A 150 -8.01 -27.60 7.88
C ALA A 150 -7.25 -26.53 8.64
N ASN A 151 -6.03 -26.83 8.99
CA ASN A 151 -5.23 -25.86 9.77
C ASN A 151 -4.91 -24.61 8.93
N ILE A 152 -4.58 -24.82 7.65
CA ILE A 152 -4.24 -23.66 6.81
C ILE A 152 -5.53 -22.82 6.58
N ARG A 153 -6.64 -23.52 6.24
CA ARG A 153 -7.87 -22.76 6.04
C ARG A 153 -8.23 -22.00 7.30
N ALA A 154 -8.10 -22.60 8.47
CA ALA A 154 -8.42 -21.90 9.73
C ALA A 154 -7.52 -20.69 9.89
N ALA A 155 -6.25 -20.77 9.53
CA ALA A 155 -5.35 -19.61 9.62
C ALA A 155 -5.79 -18.48 8.73
N VAL A 156 -6.24 -18.74 7.48
CA VAL A 156 -6.68 -17.69 6.57
C VAL A 156 -7.97 -17.10 7.16
N GLN A 157 -8.85 -17.98 7.65
CA GLN A 157 -10.10 -17.51 8.28
C GLN A 157 -9.84 -16.59 9.45
N ARG A 158 -8.89 -16.95 10.28
CA ARG A 158 -8.60 -16.14 11.51
C ARG A 158 -7.93 -14.82 11.11
N LEU A 159 -7.01 -14.79 10.15
CA LEU A 159 -6.44 -13.56 9.62
C LEU A 159 -7.52 -12.72 8.96
N GLY A 160 -8.42 -13.30 8.16
CA GLY A 160 -9.51 -12.52 7.56
C GLY A 160 -10.44 -11.92 8.60
N GLU A 161 -10.79 -12.70 9.61
CA GLU A 161 -11.67 -12.25 10.71
C GLU A 161 -11.11 -10.97 11.30
N ALA A 162 -9.79 -10.89 11.46
CA ALA A 162 -9.15 -9.72 12.08
C ALA A 162 -8.97 -8.59 11.12
N GLY A 163 -9.23 -8.79 9.84
CA GLY A 163 -9.17 -7.67 8.86
C GLY A 163 -8.23 -7.86 7.68
N ALA A 164 -7.50 -8.98 7.56
CA ALA A 164 -6.71 -9.26 6.36
C ALA A 164 -7.65 -9.45 5.16
N ARG A 165 -7.19 -9.01 3.99
CA ARG A 165 -8.01 -9.14 2.78
C ARG A 165 -7.23 -9.80 1.65
N ARG A 166 -5.93 -9.82 1.72
CA ARG A 166 -5.12 -10.28 0.60
C ARG A 166 -4.18 -11.40 1.10
N PHE A 167 -4.16 -12.46 0.32
CA PHE A 167 -3.39 -13.67 0.65
C PHE A 167 -2.70 -14.24 -0.58
N LEU A 168 -1.59 -14.92 -0.30
CA LEU A 168 -0.93 -15.83 -1.27
C LEU A 168 -0.61 -17.06 -0.47
N VAL A 169 -1.22 -18.15 -0.86
CA VAL A 169 -0.96 -19.43 -0.18
C VAL A 169 -0.20 -20.33 -1.12
N VAL A 170 0.85 -20.91 -0.61
CA VAL A 170 1.72 -21.85 -1.37
C VAL A 170 1.29 -23.27 -1.10
N SER A 171 1.20 -24.03 -2.19
CA SER A 171 0.90 -25.46 -2.11
C SER A 171 1.94 -26.24 -1.32
N SER A 172 1.70 -27.52 -1.07
CA SER A 172 2.85 -28.37 -0.71
C SER A 172 3.90 -28.31 -1.78
N THR A 173 5.14 -28.34 -1.37
CA THR A 173 6.24 -28.64 -2.26
C THR A 173 6.23 -30.10 -2.63
N ASP A 174 7.14 -30.40 -3.53
CA ASP A 174 7.34 -31.79 -3.95
C ASP A 174 8.19 -32.58 -2.95
N LEU A 175 7.55 -32.97 -1.87
CA LEU A 175 8.24 -33.66 -0.76
C LEU A 175 8.87 -34.94 -1.29
N SER A 176 8.32 -35.51 -2.38
CA SER A 176 8.76 -36.83 -2.87
C SER A 176 10.11 -36.83 -3.50
N VAL A 177 10.73 -35.64 -3.75
CA VAL A 177 12.10 -35.57 -4.30
C VAL A 177 13.05 -35.01 -3.28
N VAL A 178 12.56 -34.67 -2.08
CA VAL A 178 13.49 -34.18 -1.02
C VAL A 178 14.54 -35.26 -0.73
N PRO A 179 15.85 -34.97 -0.63
CA PRO A 179 16.83 -36.03 -0.43
C PRO A 179 16.53 -36.88 0.81
N ALA A 180 16.15 -36.28 1.93
CA ALA A 180 15.86 -37.04 3.16
C ALA A 180 14.73 -38.03 2.94
N VAL A 181 13.75 -37.67 2.13
CA VAL A 181 12.64 -38.59 1.82
C VAL A 181 13.09 -39.74 0.96
N VAL A 182 13.84 -39.48 -0.08
CA VAL A 182 14.48 -40.51 -0.91
C VAL A 182 15.31 -41.44 0.00
N ALA A 183 16.14 -40.91 0.85
CA ALA A 183 17.04 -41.72 1.69
C ALA A 183 16.20 -42.53 2.68
N GLY A 184 15.06 -42.02 3.12
CA GLY A 184 14.13 -42.75 4.00
C GLY A 184 13.27 -43.79 3.29
N ASN A 185 13.41 -43.93 1.97
CA ASN A 185 12.55 -44.80 1.13
C ASN A 185 11.09 -44.45 1.38
N ARG A 186 10.76 -43.14 1.36
CA ARG A 186 9.39 -42.65 1.69
C ARG A 186 8.79 -41.84 0.53
N VAL A 187 9.27 -42.09 -0.67
CA VAL A 187 8.78 -41.39 -1.89
C VAL A 187 7.27 -41.59 -2.07
N GLU A 188 6.72 -42.80 -2.02
CA GLU A 188 5.30 -43.00 -2.27
C GLU A 188 4.49 -42.32 -1.16
N ARG A 189 4.98 -42.41 0.09
CA ARG A 189 4.16 -41.80 1.17
C ARG A 189 4.10 -40.29 0.93
N ALA A 190 5.23 -39.66 0.58
CA ALA A 190 5.26 -38.23 0.26
C ALA A 190 4.32 -37.91 -0.89
N GLN A 191 4.36 -38.66 -1.97
CA GLN A 191 3.48 -38.44 -3.13
C GLN A 191 2.05 -38.45 -2.63
N ARG A 192 1.67 -39.43 -1.84
CA ARG A 192 0.25 -39.57 -1.42
C ARG A 192 -0.13 -38.39 -0.54
N TYR A 193 0.73 -37.98 0.36
CA TYR A 193 0.45 -36.86 1.25
C TYR A 193 0.26 -35.56 0.44
N LEU A 194 1.22 -35.25 -0.40
CA LEU A 194 1.26 -33.93 -1.07
C LEU A 194 0.13 -33.88 -2.07
N GLN A 195 -0.28 -35.02 -2.64
CA GLN A 195 -1.36 -34.99 -3.65
C GLN A 195 -2.67 -34.71 -2.92
N ALA A 196 -2.83 -35.23 -1.71
CA ALA A 196 -4.05 -35.00 -0.92
C ALA A 196 -4.16 -33.57 -0.48
N VAL A 197 -3.06 -32.97 0.01
CA VAL A 197 -3.12 -31.57 0.40
C VAL A 197 -3.46 -30.72 -0.84
N ASN A 198 -2.76 -30.95 -1.93
CA ASN A 198 -2.78 -30.01 -3.07
C ASN A 198 -4.10 -30.17 -3.86
N ALA A 199 -4.75 -31.30 -3.77
CA ALA A 199 -6.10 -31.40 -4.39
C ALA A 199 -7.10 -30.62 -3.52
N SER A 200 -7.08 -30.74 -2.25
CA SER A 200 -8.14 -30.25 -1.35
C SER A 200 -7.99 -28.79 -1.02
N LEU A 201 -6.74 -28.33 -0.71
CA LEU A 201 -6.55 -27.00 -0.14
C LEU A 201 -7.09 -25.91 -1.06
N PRO A 202 -6.79 -25.90 -2.37
CA PRO A 202 -7.21 -24.76 -3.18
C PRO A 202 -8.73 -24.71 -3.36
N ILE A 203 -9.37 -25.86 -3.23
CA ILE A 203 -10.87 -25.92 -3.25
C ILE A 203 -11.42 -25.30 -1.99
N GLN A 204 -10.83 -25.60 -0.84
CA GLN A 204 -11.25 -25.01 0.43
C GLN A 204 -10.98 -23.50 0.39
N LEU A 205 -9.82 -23.06 -0.07
CA LEU A 205 -9.50 -21.62 -0.07
C LEU A 205 -10.33 -20.84 -1.08
N ALA A 206 -10.79 -21.50 -2.18
CA ALA A 206 -11.59 -20.74 -3.13
C ALA A 206 -13.00 -20.51 -2.53
N ALA A 207 -13.51 -21.46 -1.75
CA ALA A 207 -14.81 -21.23 -1.05
C ALA A 207 -14.67 -20.09 -0.03
N LEU A 208 -13.58 -20.09 0.75
CA LEU A 208 -13.37 -19.04 1.79
C LEU A 208 -13.13 -17.67 1.13
N ARG A 209 -12.44 -17.65 -0.01
CA ARG A 209 -12.14 -16.38 -0.73
C ARG A 209 -13.50 -15.76 -1.11
N LYS A 210 -14.39 -16.57 -1.65
CA LYS A 210 -15.69 -16.06 -2.14
C LYS A 210 -16.51 -15.63 -0.93
N THR A 211 -16.57 -16.39 0.12
CA THR A 211 -17.45 -16.03 1.25
C THR A 211 -17.05 -14.70 1.86
N ARG A 212 -15.75 -14.50 2.08
CA ARG A 212 -15.22 -13.37 2.87
C ARG A 212 -14.75 -12.21 1.96
N GLY A 213 -14.87 -12.33 0.67
CA GLY A 213 -14.47 -11.25 -0.25
C GLY A 213 -12.97 -10.99 -0.14
N LEU A 214 -12.21 -12.08 -0.23
CA LEU A 214 -10.74 -11.95 -0.16
C LEU A 214 -10.14 -12.00 -1.57
N GLU A 215 -8.96 -11.47 -1.65
CA GLU A 215 -8.08 -11.70 -2.84
C GLU A 215 -7.16 -12.81 -2.38
N LEU A 216 -7.22 -13.96 -2.98
CA LEU A 216 -6.37 -15.06 -2.50
C LEU A 216 -5.83 -15.78 -3.70
N SER A 217 -4.53 -15.75 -3.84
CA SER A 217 -3.80 -16.39 -4.93
CA SER A 217 -3.86 -16.44 -4.95
C SER A 217 -3.23 -17.71 -4.41
N TRP A 218 -3.21 -18.72 -5.20
CA TRP A 218 -2.70 -20.08 -4.93
C TRP A 218 -1.46 -20.25 -5.78
N PHE A 219 -0.29 -20.53 -5.18
CA PHE A 219 0.95 -20.79 -5.93
C PHE A 219 1.18 -22.31 -5.94
N ASP A 220 1.22 -22.92 -7.12
CA ASP A 220 1.42 -24.37 -7.24
C ASP A 220 2.91 -24.62 -7.33
N HIS A 221 3.51 -24.90 -6.18
CA HIS A 221 4.97 -25.11 -6.10
C HIS A 221 5.30 -26.42 -6.79
N LEU A 222 4.43 -27.41 -6.75
CA LEU A 222 4.69 -28.70 -7.39
C LEU A 222 4.82 -28.50 -8.88
N THR A 223 3.93 -27.75 -9.54
CA THR A 223 4.00 -27.53 -10.99
C THR A 223 5.34 -26.83 -11.26
N PHE A 224 5.63 -25.79 -10.48
CA PHE A 224 6.89 -24.99 -10.57
C PHE A 224 8.14 -25.90 -10.55
N SER A 225 8.20 -26.79 -9.56
CA SER A 225 9.36 -27.67 -9.40
C SER A 225 9.38 -28.70 -10.53
N ARG A 226 8.20 -29.20 -10.93
CA ARG A 226 8.26 -30.25 -11.95
C ARG A 226 8.81 -29.64 -13.24
N HIS A 227 8.46 -28.40 -13.54
CA HIS A 227 8.97 -27.74 -14.76
C HIS A 227 10.48 -27.48 -14.67
N LEU A 228 11.04 -27.07 -13.53
CA LEU A 228 12.47 -26.79 -13.37
CA LEU A 228 12.49 -26.81 -13.34
C LEU A 228 13.23 -28.13 -13.50
N ARG A 229 12.71 -29.19 -12.87
CA ARG A 229 13.43 -30.47 -12.82
C ARG A 229 13.29 -31.27 -14.14
N ARG A 230 12.31 -30.96 -14.96
CA ARG A 230 12.24 -31.62 -16.29
C ARG A 230 13.19 -30.93 -17.26
N ASN A 231 13.52 -29.66 -17.05
CA ASN A 231 14.28 -28.82 -18.00
C ASN A 231 15.43 -28.11 -17.28
N PRO A 232 16.30 -28.82 -16.54
CA PRO A 232 17.24 -28.18 -15.60
C PRO A 232 18.22 -27.27 -16.35
N ALA A 233 18.63 -27.67 -17.56
CA ALA A 233 19.71 -26.91 -18.24
C ALA A 233 19.21 -25.51 -18.57
N ARG A 234 17.96 -25.36 -18.95
CA ARG A 234 17.32 -24.05 -19.24
C ARG A 234 17.57 -23.06 -18.08
N TYR A 235 17.64 -23.57 -16.85
CA TYR A 235 17.76 -22.79 -15.59
C TYR A 235 19.17 -22.86 -15.06
N GLY A 236 20.12 -23.48 -15.78
CA GLY A 236 21.51 -23.56 -15.33
C GLY A 236 21.68 -24.50 -14.16
N LEU A 237 20.73 -25.43 -13.95
CA LEU A 237 20.87 -26.47 -12.93
C LEU A 237 21.51 -27.73 -13.51
N VAL A 238 22.39 -28.34 -12.75
CA VAL A 238 23.14 -29.57 -13.12
C VAL A 238 22.77 -30.71 -12.18
N GLU A 239 22.68 -30.47 -10.87
CA GLU A 239 22.53 -31.55 -9.90
C GLU A 239 21.20 -31.38 -9.19
N LEU A 240 20.31 -32.33 -9.42
CA LEU A 240 18.93 -32.21 -8.88
C LEU A 240 18.68 -33.03 -7.62
N ASP A 241 19.55 -33.96 -7.28
CA ASP A 241 19.32 -34.93 -6.19
C ASP A 241 20.30 -34.83 -5.03
N ALA A 242 21.59 -34.59 -5.27
CA ALA A 242 22.56 -34.55 -4.15
C ALA A 242 22.48 -33.24 -3.43
N PRO A 243 22.57 -33.16 -2.09
CA PRO A 243 22.69 -31.86 -1.48
C PRO A 243 24.08 -31.21 -1.72
N CYS A 244 24.06 -29.92 -1.99
CA CYS A 244 25.33 -29.14 -2.13
C CYS A 244 26.08 -29.28 -0.82
N GLN A 245 25.41 -29.20 0.30
CA GLN A 245 25.96 -29.13 1.66
C GLN A 245 25.39 -30.32 2.46
N PRO A 246 26.04 -31.49 2.41
CA PRO A 246 25.59 -32.66 3.16
C PRO A 246 25.63 -32.38 4.67
N THR A 247 24.63 -32.84 5.43
CA THR A 247 24.56 -32.69 6.89
C THR A 247 24.27 -34.03 7.55
N GLN A 248 23.80 -35.05 6.81
CA GLN A 248 23.37 -36.37 7.41
C GLN A 248 24.18 -37.47 6.73
N PRO A 249 24.72 -38.46 7.47
CA PRO A 249 24.73 -38.45 8.92
C PRO A 249 25.64 -37.37 9.54
N SER A 250 26.60 -36.83 8.79
CA SER A 250 27.42 -35.72 9.34
C SER A 250 27.70 -34.66 8.27
N VAL A 251 28.15 -33.51 8.74
CA VAL A 251 28.51 -32.36 7.88
C VAL A 251 29.77 -32.67 7.06
N ARG A 252 29.73 -32.38 5.76
CA ARG A 252 30.85 -32.63 4.81
C ARG A 252 30.99 -31.37 3.99
N PRO A 253 32.13 -31.16 3.30
CA PRO A 253 32.36 -29.86 2.66
C PRO A 253 31.34 -29.61 1.55
N ALA A 254 30.97 -28.35 1.39
CA ALA A 254 30.03 -27.93 0.34
C ALA A 254 30.62 -28.04 -1.05
N CYS A 255 29.75 -28.34 -2.03
CA CYS A 255 30.10 -28.21 -3.47
C CYS A 255 30.58 -26.78 -3.84
N ALA A 256 31.39 -26.66 -4.91
CA ALA A 256 31.94 -25.37 -5.40
C ALA A 256 30.95 -24.56 -6.24
N ASN A 257 29.89 -25.20 -6.74
CA ASN A 257 28.98 -24.64 -7.76
C ASN A 257 27.53 -24.68 -7.24
N PRO A 258 27.20 -24.11 -6.08
CA PRO A 258 25.85 -24.21 -5.52
C PRO A 258 24.74 -23.65 -6.40
N ASP A 259 25.04 -22.71 -7.27
CA ASP A 259 24.03 -22.15 -8.18
C ASP A 259 23.63 -23.19 -9.22
N GLN A 260 24.33 -24.28 -9.33
CA GLN A 260 23.96 -25.39 -10.24
C GLN A 260 23.26 -26.52 -9.49
N TYR A 261 22.96 -26.36 -8.20
CA TYR A 261 22.31 -27.41 -7.41
C TYR A 261 20.88 -26.99 -7.10
N TYR A 262 19.99 -28.00 -7.05
CA TYR A 262 18.65 -27.77 -6.58
C TYR A 262 18.63 -27.70 -5.07
N PHE A 263 19.22 -28.67 -4.38
CA PHE A 263 19.13 -28.82 -2.91
C PHE A 263 20.40 -28.31 -2.22
N TRP A 264 20.18 -27.55 -1.17
CA TRP A 264 21.31 -27.05 -0.33
C TRP A 264 21.63 -28.15 0.69
N ASP A 265 20.71 -28.58 1.53
CA ASP A 265 20.83 -29.71 2.46
C ASP A 265 19.84 -30.80 2.10
N GLU A 266 19.56 -31.72 2.99
CA GLU A 266 18.67 -32.84 2.62
C GLU A 266 17.21 -32.47 2.61
N TRP A 267 16.87 -31.25 2.94
CA TRP A 267 15.42 -30.87 2.94
C TRP A 267 15.15 -29.62 2.15
N HIS A 268 16.08 -28.72 2.04
CA HIS A 268 15.85 -27.31 1.62
C HIS A 268 16.55 -26.95 0.33
N PRO A 269 15.89 -26.19 -0.54
CA PRO A 269 16.50 -25.75 -1.78
C PRO A 269 17.57 -24.70 -1.60
N THR A 270 18.37 -24.57 -2.64
CA THR A 270 19.47 -23.56 -2.66
C THR A 270 18.89 -22.18 -2.93
N ARG A 271 19.72 -21.17 -2.79
CA ARG A 271 19.38 -19.78 -3.09
C ARG A 271 18.91 -19.66 -4.55
N ARG A 272 19.50 -20.47 -5.44
CA ARG A 272 19.17 -20.38 -6.88
C ARG A 272 17.68 -20.78 -7.09
N VAL A 273 17.30 -21.86 -6.46
CA VAL A 273 15.89 -22.35 -6.58
C VAL A 273 14.92 -21.43 -5.84
N HIS A 274 15.35 -20.91 -4.68
CA HIS A 274 14.49 -19.93 -3.97
C HIS A 274 14.29 -18.70 -4.89
N GLN A 275 15.36 -18.26 -5.57
CA GLN A 275 15.28 -17.11 -6.49
C GLN A 275 14.27 -17.40 -7.60
N LEU A 276 14.39 -18.56 -8.22
CA LEU A 276 13.42 -18.90 -9.27
C LEU A 276 12.00 -18.97 -8.71
N ALA A 277 11.83 -19.52 -7.50
CA ALA A 277 10.50 -19.66 -6.88
C ALA A 277 9.91 -18.31 -6.59
N GLY A 278 10.72 -17.41 -6.01
CA GLY A 278 10.18 -16.08 -5.74
C GLY A 278 9.85 -15.29 -6.97
N GLU A 279 10.61 -15.46 -8.04
CA GLU A 279 10.24 -14.83 -9.34
C GLU A 279 8.91 -15.41 -9.82
N ALA A 280 8.73 -16.71 -9.69
CA ALA A 280 7.49 -17.38 -10.15
C ALA A 280 6.30 -16.91 -9.33
N MET A 281 6.56 -16.70 -8.03
CA MET A 281 5.43 -16.25 -7.17
C MET A 281 5.00 -14.83 -7.48
N ALA A 282 5.91 -14.04 -7.94
CA ALA A 282 5.63 -12.62 -8.25
C ALA A 282 4.82 -12.52 -9.56
N ALA A 283 4.67 -13.62 -10.34
CA ALA A 283 4.09 -13.55 -11.72
C ALA A 283 2.61 -13.11 -11.72
N ARG A 284 1.83 -13.32 -10.68
CA ARG A 284 0.41 -12.96 -10.61
C ARG A 284 0.21 -11.47 -10.32
N TYR A 285 1.24 -10.72 -9.96
CA TYR A 285 1.15 -9.35 -9.38
C TYR A 285 1.82 -8.32 -10.30
N ALA A 286 1.21 -7.15 -10.36
CA ALA A 286 1.86 -5.97 -10.96
C ALA A 286 2.94 -5.47 -10.02
N ARG A 287 4.06 -4.97 -10.54
CA ARG A 287 5.05 -4.23 -9.70
C ARG A 287 4.48 -2.89 -9.23
N HIS B 1 -28.75 4.63 0.83
CA HIS B 1 -28.07 3.41 1.34
C HIS B 1 -26.63 3.39 0.81
N THR B 2 -25.65 2.92 1.59
CA THR B 2 -24.22 3.16 1.25
C THR B 2 -23.58 1.96 0.53
N SER B 3 -22.51 2.28 -0.20
CA SER B 3 -21.57 1.36 -0.89
C SER B 3 -20.53 0.84 0.11
N PRO B 4 -19.87 -0.26 -0.21
CA PRO B 4 -18.70 -0.72 0.54
C PRO B 4 -17.66 0.36 0.56
N LEU B 5 -16.93 0.46 1.67
CA LEU B 5 -15.79 1.39 1.69
C LEU B 5 -14.75 0.91 0.68
N LEU B 6 -13.99 1.88 0.16
CA LEU B 6 -12.85 1.66 -0.71
C LEU B 6 -11.65 1.15 0.12
N ALA B 7 -10.71 0.46 -0.54
CA ALA B 7 -9.58 -0.19 0.09
C ALA B 7 -8.72 0.86 0.75
N PRO B 8 -7.93 0.46 1.76
CA PRO B 8 -7.05 1.38 2.47
C PRO B 8 -6.04 2.08 1.55
N VAL B 9 -5.49 3.14 2.09
CA VAL B 9 -4.56 4.03 1.39
C VAL B 9 -3.32 4.18 2.27
N ARG B 10 -2.18 3.89 1.69
CA ARG B 10 -0.88 4.04 2.41
C ARG B 10 0.01 5.13 1.85
N GLN B 11 -0.27 5.66 0.66
CA GLN B 11 0.50 6.77 0.03
C GLN B 11 -0.49 7.64 -0.75
N ILE B 12 -0.38 8.93 -0.54
CA ILE B 12 -1.12 9.97 -1.29
C ILE B 12 -0.07 10.79 -2.03
N HIS B 13 -0.35 11.00 -3.30
CA HIS B 13 0.24 12.07 -4.15
C HIS B 13 -0.83 13.13 -4.39
N ALA B 14 -0.64 14.31 -3.82
CA ALA B 14 -1.63 15.39 -3.88
C ALA B 14 -1.18 16.44 -4.91
N PHE B 15 -2.13 16.90 -5.71
CA PHE B 15 -1.93 17.95 -6.73
C PHE B 15 -2.98 19.02 -6.46
N GLY B 16 -2.63 20.26 -6.63
CA GLY B 16 -3.67 21.30 -6.37
C GLY B 16 -3.05 22.64 -6.02
N ASP B 17 -3.81 23.39 -5.20
CA ASP B 17 -3.57 24.83 -4.94
C ASP B 17 -3.40 25.13 -3.43
N SER B 18 -3.69 26.34 -2.97
CA SER B 18 -3.53 26.73 -1.54
C SER B 18 -4.45 25.92 -0.65
N TYR B 19 -5.49 25.31 -1.18
CA TYR B 19 -6.40 24.52 -0.33
C TYR B 19 -5.72 23.21 0.06
N SER B 20 -4.58 22.87 -0.55
CA SER B 20 -3.83 21.64 -0.22
C SER B 20 -2.37 21.88 0.17
N ASP B 21 -1.72 22.94 -0.38
CA ASP B 21 -0.27 23.17 -0.22
C ASP B 21 0.16 23.02 1.23
N ASN B 22 1.21 22.23 1.49
CA ASN B 22 1.71 22.07 2.88
C ASN B 22 3.12 22.58 3.00
N GLY B 23 3.51 23.48 2.12
CA GLY B 23 4.86 24.10 2.21
C GLY B 23 5.53 24.37 0.87
N GLU B 24 5.02 23.90 -0.28
CA GLU B 24 5.67 24.07 -1.60
C GLU B 24 5.76 25.55 -1.98
N SER B 25 4.71 26.33 -1.79
CA SER B 25 4.76 27.75 -2.25
C SER B 25 5.81 28.48 -1.40
N GLN B 26 6.03 28.05 -0.17
CA GLN B 26 7.03 28.73 0.71
C GLN B 26 8.44 28.30 0.28
N ARG B 27 8.65 27.02 0.03
CA ARG B 27 9.95 26.51 -0.46
C ARG B 27 10.31 27.19 -1.80
N LEU B 28 9.39 27.19 -2.77
CA LEU B 28 9.71 27.71 -4.11
C LEU B 28 9.97 29.20 -4.01
N THR B 29 9.16 29.94 -3.24
CA THR B 29 9.36 31.42 -3.24
C THR B 29 10.66 31.78 -2.50
N ARG B 30 11.04 31.03 -1.48
CA ARG B 30 12.33 31.28 -0.79
C ARG B 30 13.49 31.05 -1.76
N GLU B 31 13.38 30.04 -2.58
CA GLU B 31 14.38 29.68 -3.61
C GLU B 31 14.41 30.79 -4.68
N MET B 32 13.25 31.31 -5.07
CA MET B 32 13.16 32.33 -6.16
C MET B 32 13.67 33.66 -5.64
N LEU B 33 13.44 33.94 -4.36
CA LEU B 33 13.95 35.17 -3.72
C LEU B 33 15.48 35.12 -3.61
N ALA B 34 16.06 33.96 -3.32
CA ALA B 34 17.53 33.77 -3.24
C ALA B 34 18.17 34.05 -4.61
N LYS B 35 17.51 33.64 -5.68
CA LYS B 35 18.08 33.68 -7.05
C LYS B 35 17.75 35.02 -7.69
N GLY B 36 17.09 35.94 -6.96
CA GLY B 36 16.64 37.28 -7.40
C GLY B 36 15.70 37.23 -8.60
N ILE B 37 14.86 36.20 -8.68
CA ILE B 37 13.91 36.06 -9.82
C ILE B 37 12.95 37.25 -9.83
N ALA B 38 12.78 37.83 -11.02
CA ALA B 38 11.91 38.99 -11.30
C ALA B 38 10.52 38.74 -10.71
N GLY B 39 10.10 39.65 -9.82
CA GLY B 39 8.73 39.77 -9.30
C GLY B 39 8.45 38.82 -8.13
N ALA B 40 9.41 38.00 -7.75
CA ALA B 40 9.20 37.01 -6.66
C ALA B 40 8.70 37.73 -5.39
N GLN B 41 7.74 37.10 -4.70
CA GLN B 41 7.24 37.52 -3.38
C GLN B 41 7.36 36.35 -2.41
N ALA B 42 7.50 36.63 -1.12
CA ALA B 42 7.54 35.60 -0.06
C ALA B 42 6.11 35.09 0.14
N LEU B 43 5.84 33.81 -0.11
CA LEU B 43 4.46 33.28 0.03
C LEU B 43 4.54 32.19 1.08
N PRO B 44 3.50 31.95 1.90
CA PRO B 44 2.23 32.67 1.83
C PRO B 44 2.24 34.05 2.49
N GLY B 45 3.20 34.31 3.38
CA GLY B 45 3.15 35.53 4.20
C GLY B 45 3.42 35.26 5.67
N GLU B 46 3.39 36.30 6.50
CA GLU B 46 3.81 36.25 7.93
C GLU B 46 2.65 35.69 8.78
N VAL B 47 1.40 35.87 8.34
CA VAL B 47 0.22 35.58 9.20
C VAL B 47 -0.34 34.18 8.91
N TYR B 48 0.54 33.29 8.51
CA TYR B 48 0.14 31.90 8.16
C TYR B 48 0.92 30.91 9.01
N TRP B 49 0.39 29.69 9.12
CA TRP B 49 1.00 28.61 9.94
C TRP B 49 1.92 27.70 9.11
N GLN B 50 3.23 27.73 9.39
CA GLN B 50 4.26 26.81 8.83
C GLN B 50 4.10 26.65 7.32
N GLY B 51 3.91 27.76 6.63
CA GLY B 51 3.88 27.82 5.16
C GLY B 51 2.58 27.26 4.56
N ARG B 52 1.59 26.91 5.36
CA ARG B 52 0.21 26.61 4.84
C ARG B 52 -0.55 27.93 4.70
N TRP B 53 -1.43 28.02 3.73
CA TRP B 53 -2.29 29.19 3.50
C TRP B 53 -3.48 29.05 4.43
N SER B 54 -3.21 28.91 5.72
CA SER B 54 -4.23 28.75 6.76
C SER B 54 -3.54 28.85 8.12
N ASN B 55 -4.28 28.56 9.18
CA ASN B 55 -3.70 28.60 10.56
C ASN B 55 -3.42 27.18 11.04
N GLY B 56 -3.37 26.20 10.14
CA GLY B 56 -3.14 24.81 10.53
C GLY B 56 -3.04 23.97 9.27
N PRO B 57 -2.99 22.65 9.44
CA PRO B 57 -2.92 21.71 8.31
C PRO B 57 -4.07 21.77 7.29
N THR B 58 -3.76 21.57 6.04
CA THR B 58 -4.84 21.53 5.03
C THR B 58 -5.61 20.22 5.07
N ALA B 59 -6.71 20.17 4.34
CA ALA B 59 -7.64 19.00 4.29
C ALA B 59 -6.89 17.73 3.88
N VAL B 60 -6.06 17.78 2.85
CA VAL B 60 -5.37 16.55 2.44
C VAL B 60 -4.41 16.06 3.54
N GLU B 61 -3.83 16.94 4.36
CA GLU B 61 -2.92 16.54 5.44
C GLU B 61 -3.74 15.78 6.47
N VAL B 62 -4.93 16.27 6.72
CA VAL B 62 -5.84 15.57 7.71
C VAL B 62 -6.33 14.26 7.11
N LEU B 63 -6.65 14.21 5.85
CA LEU B 63 -7.09 12.99 5.15
C LEU B 63 -5.95 11.94 5.30
N ALA B 64 -4.70 12.31 5.03
CA ALA B 64 -3.57 11.34 5.13
C ALA B 64 -3.48 10.80 6.55
N ARG B 65 -3.57 11.66 7.56
CA ARG B 65 -3.53 11.21 8.97
C ARG B 65 -4.71 10.28 9.23
N GLN B 66 -5.92 10.65 8.82
CA GLN B 66 -7.10 9.76 9.09
C GLN B 66 -6.91 8.39 8.47
N LEU B 67 -6.33 8.31 7.30
CA LEU B 67 -6.23 7.04 6.53
C LEU B 67 -4.99 6.25 6.94
N GLY B 68 -4.04 6.88 7.64
CA GLY B 68 -2.74 6.22 7.96
C GLY B 68 -1.81 6.13 6.75
N ALA B 69 -1.83 7.17 5.92
CA ALA B 69 -1.08 7.24 4.65
C ALA B 69 0.04 8.25 4.82
N GLN B 70 1.13 8.01 4.12
CA GLN B 70 2.15 9.03 3.88
C GLN B 70 1.63 9.98 2.80
N LEU B 71 2.11 11.23 2.83
CA LEU B 71 1.66 12.30 1.90
C LEU B 71 2.88 12.86 1.21
N ALA B 72 2.84 12.82 -0.12
CA ALA B 72 3.71 13.61 -1.01
C ALA B 72 2.86 14.74 -1.57
N ASP B 73 3.04 15.95 -1.07
CA ASP B 73 2.08 17.07 -1.40
C ASP B 73 2.77 17.97 -2.41
N HIS B 74 2.34 17.88 -3.66
CA HIS B 74 2.88 18.63 -4.83
C HIS B 74 2.08 19.90 -5.08
N ALA B 75 1.05 20.15 -4.30
CA ALA B 75 0.21 21.35 -4.50
C ALA B 75 1.00 22.65 -4.24
N VAL B 76 0.70 23.70 -4.99
CA VAL B 76 1.37 25.03 -4.91
C VAL B 76 0.27 26.09 -4.80
N GLY B 77 0.27 26.87 -3.74
CA GLY B 77 -0.69 28.00 -3.69
C GLY B 77 -0.66 28.82 -4.98
N GLY B 78 -1.81 29.23 -5.46
CA GLY B 78 -2.00 29.95 -6.72
C GLY B 78 -2.16 29.04 -7.91
N ALA B 79 -1.95 27.74 -7.78
CA ALA B 79 -1.93 26.86 -8.94
C ALA B 79 -3.27 26.93 -9.69
N LYS B 80 -3.19 27.06 -11.00
CA LYS B 80 -4.38 26.88 -11.88
C LYS B 80 -4.48 25.46 -12.36
N SER B 81 -5.55 25.14 -13.10
CA SER B 81 -5.81 23.78 -13.59
C SER B 81 -4.88 23.41 -14.75
N GLY B 82 -4.29 24.39 -15.42
CA GLY B 82 -3.38 24.13 -16.53
C GLY B 82 -1.94 24.20 -16.05
N ALA B 83 -1.08 24.82 -16.85
CA ALA B 83 0.37 24.75 -16.60
C ALA B 83 0.81 25.73 -15.49
N ASP B 84 0.11 26.86 -15.35
CA ASP B 84 0.71 27.99 -14.61
C ASP B 84 -0.07 28.39 -13.39
N ASN B 85 0.35 29.51 -12.81
CA ASN B 85 -0.05 29.98 -11.48
C ASN B 85 -0.80 31.31 -11.62
N TYR B 86 -1.65 31.62 -10.67
CA TYR B 86 -2.20 32.98 -10.48
C TYR B 86 -1.07 34.02 -10.53
N TYR B 87 0.07 33.71 -9.93
CA TYR B 87 1.24 34.60 -9.92
C TYR B 87 1.99 34.37 -11.25
N GLY B 88 1.78 35.27 -12.20
CA GLY B 88 2.38 35.19 -13.55
C GLY B 88 3.90 35.03 -13.44
N TRP B 89 4.47 35.74 -12.47
CA TRP B 89 5.96 35.85 -12.32
C TRP B 89 6.55 34.49 -11.99
N MET B 90 5.74 33.48 -11.65
CA MET B 90 6.33 32.15 -11.43
C MET B 90 6.69 31.44 -12.74
N SER B 91 5.97 31.73 -13.85
CA SER B 91 5.95 30.98 -15.14
C SER B 91 7.36 30.88 -15.71
N ALA B 92 8.17 31.93 -15.54
CA ALA B 92 9.52 31.99 -16.13
C ALA B 92 10.44 31.05 -15.36
N TYR B 93 10.09 30.70 -14.12
CA TYR B 93 10.93 29.88 -13.23
C TYR B 93 10.41 28.43 -13.21
N ARG B 94 9.09 28.26 -13.17
CA ARG B 94 8.50 26.92 -12.94
C ARG B 94 7.02 26.96 -13.33
N HIS B 95 6.57 25.93 -14.04
CA HIS B 95 5.14 25.65 -14.28
C HIS B 95 4.54 24.93 -13.04
N THR B 96 3.78 25.67 -12.24
CA THR B 96 3.29 25.21 -10.93
C THR B 96 1.77 24.98 -10.96
N GLY B 97 1.12 25.09 -12.10
CA GLY B 97 -0.29 24.65 -12.29
C GLY B 97 -0.38 23.14 -12.13
N LEU B 98 -1.58 22.61 -12.09
CA LEU B 98 -1.83 21.15 -12.05
C LEU B 98 -1.02 20.46 -13.14
N ALA B 99 -1.10 20.91 -14.40
CA ALA B 99 -0.42 20.19 -15.51
C ALA B 99 1.08 20.18 -15.23
N GLY B 100 1.64 21.26 -14.69
CA GLY B 100 3.07 21.38 -14.32
C GLY B 100 3.49 20.51 -13.16
N GLN B 101 2.61 20.35 -12.19
CA GLN B 101 2.82 19.41 -11.07
C GLN B 101 2.82 17.97 -11.57
N VAL B 102 1.91 17.62 -12.47
CA VAL B 102 1.83 16.23 -13.02
C VAL B 102 3.09 16.00 -13.83
N ASP B 103 3.55 17.01 -14.58
CA ASP B 103 4.78 16.78 -15.39
C ASP B 103 5.95 16.55 -14.43
N ALA B 104 6.11 17.37 -13.39
CA ALA B 104 7.26 17.33 -12.45
C ALA B 104 7.25 16.00 -11.71
N TYR B 105 6.08 15.49 -11.33
CA TYR B 105 5.92 14.15 -10.73
C TYR B 105 6.42 13.06 -11.68
N LEU B 106 5.91 13.01 -12.90
CA LEU B 106 6.28 11.95 -13.87
C LEU B 106 7.78 12.08 -14.18
N ALA B 107 8.33 13.28 -14.24
CA ALA B 107 9.77 13.42 -14.58
C ALA B 107 10.60 12.92 -13.40
N THR B 108 10.20 13.13 -12.14
CA THR B 108 10.98 12.58 -10.99
C THR B 108 10.89 11.05 -10.94
N LEU B 109 9.91 10.40 -11.57
CA LEU B 109 9.97 8.94 -11.84
C LEU B 109 10.83 8.76 -13.09
N ASP B 110 11.88 7.94 -13.02
CA ASP B 110 12.87 7.79 -14.12
C ASP B 110 12.33 6.89 -15.25
N GLY B 111 11.05 6.94 -15.58
CA GLY B 111 10.43 5.83 -16.34
C GLY B 111 10.21 4.64 -15.42
N LYS B 112 10.60 4.82 -14.15
CA LYS B 112 10.29 3.99 -12.96
C LYS B 112 8.79 4.00 -12.64
N PRO B 113 8.21 2.88 -12.20
CA PRO B 113 6.76 2.76 -12.26
C PRO B 113 6.05 3.71 -11.28
N VAL B 114 4.88 4.14 -11.68
CA VAL B 114 3.96 4.84 -10.76
C VAL B 114 3.52 3.78 -9.75
N ASP B 115 3.35 4.18 -8.48
CA ASP B 115 2.79 3.29 -7.43
C ASP B 115 1.30 3.14 -7.75
N GLY B 116 0.88 2.00 -8.27
CA GLY B 116 -0.52 1.69 -8.59
C GLY B 116 -1.41 1.58 -7.36
N GLN B 117 -0.83 1.59 -6.16
CA GLN B 117 -1.58 1.56 -4.90
C GLN B 117 -1.78 2.98 -4.40
N ALA B 118 -1.01 3.95 -4.91
CA ALA B 118 -1.07 5.30 -4.32
C ALA B 118 -2.37 5.97 -4.76
N LEU B 119 -2.93 6.75 -3.85
CA LEU B 119 -4.10 7.61 -4.15
C LEU B 119 -3.62 8.96 -4.72
N HIS B 120 -4.05 9.27 -5.93
CA HIS B 120 -3.73 10.51 -6.65
C HIS B 120 -4.87 11.51 -6.41
N PHE B 121 -4.56 12.46 -5.54
CA PHE B 121 -5.56 13.41 -5.02
C PHE B 121 -5.42 14.71 -5.83
N ILE B 122 -6.53 15.21 -6.38
CA ILE B 122 -6.54 16.41 -7.27
C ILE B 122 -7.57 17.37 -6.67
N PHE B 123 -7.12 18.60 -6.40
CA PHE B 123 -8.00 19.62 -5.84
C PHE B 123 -7.55 20.98 -6.37
N VAL B 124 -8.20 21.38 -7.46
CA VAL B 124 -7.80 22.61 -8.19
C VAL B 124 -9.01 23.17 -8.92
N SER B 125 -8.98 24.47 -9.23
CA SER B 125 -9.84 25.20 -10.16
C SER B 125 -10.11 26.60 -9.62
N ALA B 126 -10.00 26.84 -8.33
CA ALA B 126 -10.26 28.17 -7.75
C ALA B 126 -9.46 29.24 -8.48
N ASN B 127 -8.18 29.04 -8.74
CA ASN B 127 -7.34 30.15 -9.23
C ASN B 127 -7.75 30.42 -10.67
N ASP B 128 -8.30 29.44 -11.39
CA ASP B 128 -8.81 29.71 -12.77
C ASP B 128 -9.83 30.87 -12.68
N PHE B 129 -10.74 30.83 -11.72
CA PHE B 129 -11.76 31.86 -11.48
C PHE B 129 -11.11 33.11 -10.93
N PHE B 130 -10.29 33.02 -9.88
CA PHE B 130 -9.77 34.24 -9.23
C PHE B 130 -8.92 34.99 -10.26
N GLU B 131 -8.11 34.31 -11.06
CA GLU B 131 -7.24 35.02 -12.04
C GLU B 131 -8.13 35.70 -13.06
N HIS B 132 -9.18 35.01 -13.52
CA HIS B 132 -10.08 35.54 -14.56
C HIS B 132 -10.76 36.80 -14.02
N GLU B 133 -11.15 36.81 -12.75
CA GLU B 133 -11.89 37.97 -12.18
C GLU B 133 -10.92 39.11 -11.81
N ASP B 134 -9.72 38.82 -11.31
CA ASP B 134 -8.82 39.87 -10.79
C ASP B 134 -8.13 40.59 -11.95
N PHE B 135 -7.99 39.95 -13.11
CA PHE B 135 -7.25 40.45 -14.31
C PHE B 135 -8.16 40.52 -15.54
N ALA B 136 -9.48 40.63 -15.35
CA ALA B 136 -10.43 40.81 -16.45
C ALA B 136 -10.10 39.87 -17.63
N GLY B 137 -10.07 38.57 -17.41
CA GLY B 137 -10.16 37.60 -18.51
C GLY B 137 -11.42 37.91 -19.29
N GLU B 138 -11.42 37.55 -20.55
CA GLU B 138 -12.46 37.99 -21.53
C GLU B 138 -13.31 36.79 -21.92
N GLN B 139 -12.73 35.60 -21.80
CA GLN B 139 -13.42 34.27 -21.94
C GLN B 139 -14.72 34.31 -21.12
N PRO B 140 -15.90 34.00 -21.72
CA PRO B 140 -17.12 33.85 -20.94
C PRO B 140 -16.87 32.83 -19.80
N LEU B 141 -17.57 32.96 -18.66
CA LEU B 141 -17.34 32.04 -17.53
C LEU B 141 -17.61 30.61 -17.95
N GLU B 142 -18.62 30.37 -18.80
CA GLU B 142 -19.00 29.00 -19.24
C GLU B 142 -17.82 28.34 -19.96
N GLN B 143 -17.05 29.10 -20.74
CA GLN B 143 -15.89 28.59 -21.49
C GLN B 143 -14.74 28.39 -20.47
N LEU B 144 -14.62 29.28 -19.50
CA LEU B 144 -13.55 29.16 -18.48
C LEU B 144 -13.78 27.85 -17.70
N ALA B 145 -15.03 27.58 -17.37
CA ALA B 145 -15.40 26.32 -16.64
C ALA B 145 -15.07 25.12 -17.51
N GLY B 146 -15.46 25.20 -18.80
CA GLY B 146 -15.15 24.12 -19.75
C GLY B 146 -13.66 23.84 -19.80
N SER B 147 -12.82 24.89 -19.78
CA SER B 147 -11.34 24.73 -19.76
C SER B 147 -10.89 24.08 -18.44
N SER B 148 -11.43 24.53 -17.31
CA SER B 148 -11.02 23.91 -16.03
C SER B 148 -11.32 22.42 -16.07
N VAL B 149 -12.51 22.04 -16.51
CA VAL B 149 -12.96 20.64 -16.56
C VAL B 149 -12.05 19.82 -17.50
N ALA B 150 -11.78 20.37 -18.67
CA ALA B 150 -10.90 19.65 -19.63
C ALA B 150 -9.51 19.48 -19.02
N ASN B 151 -8.98 20.49 -18.34
CA ASN B 151 -7.62 20.44 -17.75
C ASN B 151 -7.57 19.36 -16.67
N ILE B 152 -8.58 19.30 -15.82
CA ILE B 152 -8.56 18.28 -14.74
C ILE B 152 -8.70 16.89 -15.39
N ARG B 153 -9.62 16.69 -16.33
CA ARG B 153 -9.76 15.39 -17.02
C ARG B 153 -8.43 15.06 -17.70
N ALA B 154 -7.75 16.00 -18.36
CA ALA B 154 -6.44 15.71 -19.00
C ALA B 154 -5.42 15.27 -17.94
N ALA B 155 -5.39 15.87 -16.75
CA ALA B 155 -4.44 15.48 -15.69
C ALA B 155 -4.73 14.02 -15.26
N VAL B 156 -6.00 13.64 -15.04
CA VAL B 156 -6.35 12.26 -14.64
C VAL B 156 -5.94 11.28 -15.75
N GLN B 157 -6.19 11.72 -17.01
CA GLN B 157 -5.85 10.84 -18.18
C GLN B 157 -4.32 10.70 -18.24
N ARG B 158 -3.57 11.77 -18.04
CA ARG B 158 -2.09 11.68 -18.14
C ARG B 158 -1.49 10.89 -16.96
N LEU B 159 -2.03 11.03 -15.74
CA LEU B 159 -1.58 10.19 -14.62
C LEU B 159 -1.96 8.73 -14.84
N GLY B 160 -3.16 8.45 -15.31
CA GLY B 160 -3.60 7.08 -15.59
C GLY B 160 -2.75 6.44 -16.67
N GLU B 161 -2.45 7.19 -17.71
CA GLU B 161 -1.60 6.71 -18.83
C GLU B 161 -0.27 6.19 -18.28
N ALA B 162 0.33 6.90 -17.34
CA ALA B 162 1.62 6.58 -16.72
C ALA B 162 1.53 5.43 -15.72
N GLY B 163 0.31 5.06 -15.33
CA GLY B 163 0.09 3.89 -14.47
C GLY B 163 -0.63 4.21 -13.18
N ALA B 164 -1.12 5.42 -12.97
CA ALA B 164 -1.92 5.66 -11.72
C ALA B 164 -3.23 4.91 -11.83
N ARG B 165 -3.75 4.41 -10.71
CA ARG B 165 -4.97 3.57 -10.77
C ARG B 165 -6.03 4.11 -9.81
N ARG B 166 -5.63 4.86 -8.83
CA ARG B 166 -6.57 5.34 -7.81
C ARG B 166 -6.54 6.87 -7.73
N PHE B 167 -7.73 7.47 -7.68
CA PHE B 167 -7.88 8.94 -7.67
C PHE B 167 -8.92 9.35 -6.62
N LEU B 168 -8.70 10.55 -6.13
CA LEU B 168 -9.77 11.30 -5.42
C LEU B 168 -9.75 12.67 -6.04
N VAL B 169 -10.84 13.05 -6.69
CA VAL B 169 -10.90 14.42 -7.25
C VAL B 169 -11.92 15.23 -6.48
N VAL B 170 -11.48 16.39 -6.05
CA VAL B 170 -12.32 17.36 -5.28
C VAL B 170 -13.04 18.28 -6.25
N SER B 171 -14.33 18.52 -6.00
CA SER B 171 -15.16 19.48 -6.75
C SER B 171 -14.61 20.88 -6.61
N SER B 172 -15.18 21.83 -7.37
CA SER B 172 -15.03 23.23 -6.94
C SER B 172 -15.53 23.40 -5.53
N THR B 173 -14.85 24.24 -4.77
CA THR B 173 -15.39 24.77 -3.52
C THR B 173 -16.47 25.80 -3.80
N ASP B 174 -17.15 26.16 -2.74
CA ASP B 174 -18.21 27.18 -2.86
C ASP B 174 -17.56 28.56 -2.92
N LEU B 175 -17.09 28.92 -4.09
CA LEU B 175 -16.42 30.22 -4.33
C LEU B 175 -17.37 31.35 -4.04
N SER B 176 -18.65 31.10 -4.11
CA SER B 176 -19.69 32.14 -3.94
C SER B 176 -19.78 32.68 -2.51
N VAL B 177 -19.14 32.07 -1.53
CA VAL B 177 -19.15 32.54 -0.13
C VAL B 177 -17.76 33.00 0.31
N VAL B 178 -16.78 32.90 -0.56
CA VAL B 178 -15.43 33.36 -0.22
C VAL B 178 -15.45 34.87 0.06
N PRO B 179 -14.81 35.35 1.14
CA PRO B 179 -14.95 36.75 1.51
C PRO B 179 -14.49 37.70 0.39
N ALA B 180 -13.40 37.36 -0.30
CA ALA B 180 -12.87 38.20 -1.41
C ALA B 180 -13.93 38.34 -2.50
N VAL B 181 -14.68 37.26 -2.80
CA VAL B 181 -15.72 37.21 -3.84
C VAL B 181 -16.91 38.08 -3.43
N VAL B 182 -17.29 37.97 -2.15
CA VAL B 182 -18.42 38.79 -1.59
C VAL B 182 -18.02 40.27 -1.70
N ALA B 183 -16.83 40.60 -1.25
CA ALA B 183 -16.33 41.98 -1.27
C ALA B 183 -16.26 42.49 -2.71
N GLY B 184 -16.01 41.61 -3.69
CA GLY B 184 -15.90 42.01 -5.12
C GLY B 184 -17.24 42.10 -5.79
N ASN B 185 -18.32 41.82 -5.07
CA ASN B 185 -19.71 41.75 -5.59
C ASN B 185 -19.78 40.76 -6.77
N ARG B 186 -19.18 39.58 -6.59
CA ARG B 186 -19.06 38.60 -7.68
C ARG B 186 -19.69 37.22 -7.32
N VAL B 187 -20.63 37.24 -6.40
CA VAL B 187 -21.30 36.01 -5.87
C VAL B 187 -21.98 35.29 -7.03
N GLU B 188 -22.70 36.01 -7.89
CA GLU B 188 -23.41 35.33 -8.96
C GLU B 188 -22.40 34.73 -9.94
N ARG B 189 -21.36 35.47 -10.31
CA ARG B 189 -20.35 34.92 -11.23
C ARG B 189 -19.75 33.63 -10.64
N ALA B 190 -19.40 33.64 -9.38
CA ALA B 190 -18.79 32.46 -8.70
C ALA B 190 -19.80 31.33 -8.76
N GLN B 191 -21.08 31.61 -8.49
CA GLN B 191 -22.13 30.53 -8.54
C GLN B 191 -22.16 29.90 -9.93
N ARG B 192 -22.14 30.71 -10.96
CA ARG B 192 -22.28 30.23 -12.36
C ARG B 192 -21.04 29.42 -12.72
N TYR B 193 -19.86 29.88 -12.32
CA TYR B 193 -18.61 29.17 -12.67
C TYR B 193 -18.65 27.80 -11.97
N LEU B 194 -18.88 27.79 -10.66
CA LEU B 194 -18.72 26.54 -9.87
C LEU B 194 -19.79 25.55 -10.25
N GLN B 195 -21.00 26.01 -10.56
CA GLN B 195 -22.08 25.09 -11.00
C GLN B 195 -21.66 24.44 -12.34
N ALA B 196 -21.04 25.18 -13.27
CA ALA B 196 -20.65 24.60 -14.57
C ALA B 196 -19.56 23.56 -14.33
N VAL B 197 -18.55 23.85 -13.51
CA VAL B 197 -17.49 22.86 -13.26
C VAL B 197 -18.11 21.61 -12.62
N ASN B 198 -18.95 21.78 -11.61
CA ASN B 198 -19.38 20.65 -10.76
C ASN B 198 -20.47 19.86 -11.49
N ALA B 199 -21.15 20.40 -12.51
CA ALA B 199 -22.11 19.58 -13.29
C ALA B 199 -21.35 18.71 -14.31
N SER B 200 -20.33 19.25 -14.94
CA SER B 200 -19.64 18.62 -16.09
C SER B 200 -18.55 17.65 -15.61
N LEU B 201 -17.71 18.03 -14.65
CA LEU B 201 -16.49 17.26 -14.31
C LEU B 201 -16.84 15.86 -13.86
N PRO B 202 -17.78 15.59 -12.94
CA PRO B 202 -18.05 14.23 -12.53
C PRO B 202 -18.56 13.32 -13.65
N ILE B 203 -19.29 13.86 -14.63
CA ILE B 203 -19.70 13.07 -15.81
C ILE B 203 -18.45 12.63 -16.56
N GLN B 204 -17.49 13.55 -16.78
CA GLN B 204 -16.30 13.23 -17.62
C GLN B 204 -15.39 12.25 -16.88
N LEU B 205 -15.29 12.42 -15.57
CA LEU B 205 -14.45 11.50 -14.79
C LEU B 205 -15.11 10.13 -14.71
N ALA B 206 -16.43 10.06 -14.61
CA ALA B 206 -17.12 8.73 -14.59
C ALA B 206 -16.79 7.96 -15.89
N ALA B 207 -16.81 8.62 -17.03
CA ALA B 207 -16.45 7.99 -18.33
C ALA B 207 -15.02 7.48 -18.33
N LEU B 208 -14.09 8.33 -17.91
CA LEU B 208 -12.66 8.02 -17.82
C LEU B 208 -12.41 6.85 -16.87
N ARG B 209 -13.09 6.84 -15.73
CA ARG B 209 -13.01 5.77 -14.72
C ARG B 209 -13.34 4.44 -15.38
N LYS B 210 -14.44 4.39 -16.11
CA LYS B 210 -14.93 3.14 -16.71
C LYS B 210 -13.98 2.72 -17.84
N THR B 211 -13.52 3.63 -18.67
CA THR B 211 -12.68 3.26 -19.83
C THR B 211 -11.37 2.66 -19.32
N ARG B 212 -10.75 3.33 -18.37
CA ARG B 212 -9.39 2.98 -17.91
C ARG B 212 -9.38 2.05 -16.69
N GLY B 213 -10.53 1.55 -16.20
CA GLY B 213 -10.65 0.71 -14.99
C GLY B 213 -9.96 1.38 -13.80
N LEU B 214 -10.29 2.65 -13.52
CA LEU B 214 -9.65 3.37 -12.39
C LEU B 214 -10.58 3.26 -11.18
N GLU B 215 -10.03 3.44 -10.00
CA GLU B 215 -10.87 3.70 -8.79
C GLU B 215 -10.91 5.23 -8.71
N LEU B 216 -12.05 5.86 -8.87
CA LEU B 216 -12.03 7.33 -8.88
C LEU B 216 -13.20 7.82 -8.06
N SER B 217 -12.89 8.44 -6.94
CA SER B 217 -13.93 8.98 -6.07
CA SER B 217 -13.79 9.02 -5.89
C SER B 217 -14.00 10.48 -6.24
N TRP B 218 -15.22 10.97 -6.24
CA TRP B 218 -15.56 12.41 -6.40
C TRP B 218 -15.97 12.96 -5.05
N PHE B 219 -15.27 13.95 -4.51
CA PHE B 219 -15.65 14.62 -3.26
C PHE B 219 -16.34 15.94 -3.55
N ASP B 220 -17.61 15.99 -3.21
CA ASP B 220 -18.47 17.19 -3.45
C ASP B 220 -18.24 18.13 -2.28
N HIS B 221 -17.34 19.07 -2.48
CA HIS B 221 -16.96 20.03 -1.43
C HIS B 221 -18.12 21.00 -1.23
N LEU B 222 -18.86 21.29 -2.30
CA LEU B 222 -20.00 22.25 -2.22
C LEU B 222 -21.10 21.68 -1.31
N THR B 223 -21.43 20.41 -1.44
CA THR B 223 -22.41 19.76 -0.52
C THR B 223 -21.89 19.84 0.92
N PHE B 224 -20.64 19.46 1.10
CA PHE B 224 -19.93 19.48 2.38
C PHE B 224 -20.06 20.88 3.03
N SER B 225 -19.74 21.95 2.32
CA SER B 225 -19.73 23.31 2.90
C SER B 225 -21.16 23.72 3.18
N ARG B 226 -22.09 23.41 2.28
CA ARG B 226 -23.49 23.84 2.52
C ARG B 226 -23.98 23.17 3.80
N HIS B 227 -23.69 21.91 4.03
CA HIS B 227 -24.21 21.23 5.26
C HIS B 227 -23.57 21.86 6.53
N LEU B 228 -22.30 22.22 6.51
CA LEU B 228 -21.58 22.87 7.60
C LEU B 228 -22.19 24.26 7.85
N ARG B 229 -22.48 25.01 6.78
CA ARG B 229 -22.87 26.43 6.92
C ARG B 229 -24.35 26.54 7.33
N ARG B 230 -25.13 25.50 7.05
CA ARG B 230 -26.57 25.41 7.41
C ARG B 230 -26.69 25.14 8.91
N ASN B 231 -25.74 24.45 9.52
CA ASN B 231 -25.84 23.94 10.91
C ASN B 231 -24.55 24.26 11.64
N PRO B 232 -24.11 25.54 11.72
CA PRO B 232 -22.76 25.83 12.23
C PRO B 232 -22.53 25.42 13.68
N ALA B 233 -23.49 25.67 14.56
CA ALA B 233 -23.28 25.43 16.00
C ALA B 233 -22.99 23.96 16.26
N ARG B 234 -23.52 23.05 15.45
CA ARG B 234 -23.26 21.60 15.54
C ARG B 234 -21.76 21.34 15.50
N TYR B 235 -20.98 22.19 14.79
CA TYR B 235 -19.55 22.03 14.52
C TYR B 235 -18.72 23.02 15.34
N GLY B 236 -19.35 23.80 16.20
CA GLY B 236 -18.62 24.77 17.03
C GLY B 236 -18.26 26.02 16.26
N LEU B 237 -18.87 26.23 15.10
CA LEU B 237 -18.60 27.46 14.32
C LEU B 237 -19.60 28.57 14.67
N VAL B 238 -19.13 29.80 14.74
CA VAL B 238 -19.90 31.01 15.08
C VAL B 238 -19.91 31.98 13.89
N GLU B 239 -18.75 32.22 13.25
CA GLU B 239 -18.54 33.32 12.27
C GLU B 239 -18.24 32.69 10.91
N LEU B 240 -19.21 32.77 10.03
CA LEU B 240 -19.11 32.12 8.69
C LEU B 240 -18.54 33.03 7.60
N ASP B 241 -18.47 34.35 7.81
CA ASP B 241 -18.25 35.27 6.68
C ASP B 241 -17.03 36.14 6.90
N ALA B 242 -16.73 36.57 8.08
CA ALA B 242 -15.57 37.44 8.35
C ALA B 242 -14.30 36.61 8.39
N PRO B 243 -13.19 37.08 7.80
CA PRO B 243 -11.90 36.43 7.99
C PRO B 243 -11.45 36.56 9.45
N CYS B 244 -10.90 35.50 10.02
CA CYS B 244 -10.28 35.53 11.36
C CYS B 244 -9.07 36.48 11.31
N GLN B 245 -8.29 36.41 10.23
CA GLN B 245 -7.04 37.15 9.99
C GLN B 245 -7.26 38.01 8.77
N PRO B 246 -7.79 39.24 8.89
CA PRO B 246 -7.94 40.08 7.71
C PRO B 246 -6.55 40.41 7.13
N THR B 247 -6.43 40.49 5.80
CA THR B 247 -5.17 40.86 5.10
C THR B 247 -5.41 41.98 4.09
N GLN B 248 -6.66 42.31 3.76
CA GLN B 248 -7.03 43.34 2.72
C GLN B 248 -7.90 44.44 3.32
N PRO B 249 -7.63 45.74 3.04
CA PRO B 249 -6.43 46.16 2.31
C PRO B 249 -5.13 46.02 3.11
N SER B 250 -5.20 45.80 4.43
CA SER B 250 -3.96 45.61 5.21
C SER B 250 -4.17 44.53 6.27
N VAL B 251 -3.06 43.97 6.73
CA VAL B 251 -2.98 42.96 7.82
C VAL B 251 -3.43 43.65 9.12
N ARG B 252 -4.39 43.03 9.79
CA ARG B 252 -5.00 43.58 11.01
C ARG B 252 -4.89 42.51 12.09
N PRO B 253 -5.07 42.91 13.37
CA PRO B 253 -5.07 41.94 14.46
C PRO B 253 -6.05 40.80 14.18
N ALA B 254 -5.70 39.58 14.56
CA ALA B 254 -6.44 38.33 14.32
C ALA B 254 -7.47 38.07 15.45
N CYS B 255 -8.55 37.38 15.13
CA CYS B 255 -9.66 37.03 16.04
C CYS B 255 -9.20 36.07 17.13
N ALA B 256 -9.88 36.10 18.27
CA ALA B 256 -9.42 35.42 19.52
C ALA B 256 -9.65 33.90 19.44
N ASN B 257 -10.67 33.49 18.69
CA ASN B 257 -11.24 32.12 18.71
C ASN B 257 -11.25 31.50 17.29
N PRO B 258 -10.08 31.35 16.63
CA PRO B 258 -10.06 30.91 15.24
C PRO B 258 -10.85 29.62 14.99
N ASP B 259 -11.00 28.76 15.99
CA ASP B 259 -11.66 27.47 15.79
C ASP B 259 -13.17 27.66 15.71
N GLN B 260 -13.63 28.90 15.94
CA GLN B 260 -15.05 29.25 15.69
C GLN B 260 -15.25 29.96 14.36
N TYR B 261 -14.20 30.12 13.55
CA TYR B 261 -14.27 30.84 12.24
C TYR B 261 -14.20 29.85 11.08
N TYR B 262 -15.01 30.07 10.06
CA TYR B 262 -14.93 29.36 8.76
C TYR B 262 -13.67 29.79 8.00
N PHE B 263 -13.47 31.09 7.79
CA PHE B 263 -12.38 31.64 6.99
C PHE B 263 -11.23 32.08 7.87
N TRP B 264 -10.04 31.69 7.45
CA TRP B 264 -8.79 32.29 8.00
C TRP B 264 -8.55 33.69 7.37
N ASP B 265 -8.30 33.78 6.06
CA ASP B 265 -8.08 35.07 5.34
C ASP B 265 -9.23 35.23 4.35
N GLU B 266 -9.11 36.13 3.36
CA GLU B 266 -10.26 36.42 2.48
C GLU B 266 -10.51 35.32 1.43
N TRP B 267 -9.69 34.24 1.39
CA TRP B 267 -9.82 33.16 0.38
C TRP B 267 -9.85 31.78 1.02
N HIS B 268 -9.24 31.59 2.20
CA HIS B 268 -8.84 30.26 2.67
C HIS B 268 -9.58 29.91 3.96
N PRO B 269 -10.02 28.64 4.10
CA PRO B 269 -10.69 28.19 5.31
C PRO B 269 -9.65 28.10 6.43
N THR B 270 -10.15 28.10 7.66
CA THR B 270 -9.37 27.85 8.89
C THR B 270 -9.03 26.36 9.04
N ARG B 271 -8.08 26.09 9.92
CA ARG B 271 -7.65 24.70 10.19
C ARG B 271 -8.87 23.88 10.66
N ARG B 272 -9.86 24.50 11.25
CA ARG B 272 -11.06 23.77 11.72
C ARG B 272 -11.87 23.24 10.56
N VAL B 273 -12.12 24.05 9.56
CA VAL B 273 -12.82 23.62 8.32
C VAL B 273 -11.93 22.61 7.55
N HIS B 274 -10.63 22.83 7.47
CA HIS B 274 -9.74 21.87 6.80
C HIS B 274 -9.86 20.53 7.54
N GLN B 275 -9.98 20.56 8.86
CA GLN B 275 -10.12 19.28 9.64
CA GLN B 275 -10.12 19.30 9.64
C GLN B 275 -11.43 18.61 9.30
N LEU B 276 -12.55 19.34 9.32
CA LEU B 276 -13.83 18.73 8.96
C LEU B 276 -13.76 18.20 7.51
N ALA B 277 -13.11 18.94 6.62
CA ALA B 277 -13.10 18.56 5.19
C ALA B 277 -12.29 17.26 5.01
N GLY B 278 -11.15 17.21 5.64
CA GLY B 278 -10.36 15.98 5.56
C GLY B 278 -11.06 14.78 6.17
N GLU B 279 -11.78 14.96 7.27
CA GLU B 279 -12.49 13.84 7.89
C GLU B 279 -13.55 13.43 6.90
N ALA B 280 -14.20 14.38 6.21
CA ALA B 280 -15.30 14.03 5.28
C ALA B 280 -14.73 13.31 4.06
N MET B 281 -13.60 13.73 3.59
CA MET B 281 -12.96 13.07 2.43
C MET B 281 -12.59 11.63 2.78
N ALA B 282 -12.15 11.40 4.00
CA ALA B 282 -11.72 10.05 4.46
C ALA B 282 -12.91 9.11 4.49
N ALA B 283 -14.13 9.61 4.61
CA ALA B 283 -15.36 8.81 4.82
C ALA B 283 -15.52 7.69 3.78
N ARG B 284 -14.99 7.77 2.58
CA ARG B 284 -15.23 6.73 1.56
C ARG B 284 -14.25 5.55 1.71
N TYR B 285 -13.23 5.65 2.56
CA TYR B 285 -12.08 4.72 2.63
C TYR B 285 -12.06 4.00 3.99
N ALA B 286 -11.66 2.76 3.92
CA ALA B 286 -11.33 1.94 5.11
C ALA B 286 -10.00 2.45 5.65
N ARG B 287 -9.78 2.45 6.95
CA ARG B 287 -8.45 2.69 7.55
C ARG B 287 -7.51 1.48 7.30
C ACT C . 11.42 -27.10 7.49
O ACT C . 10.82 -26.21 8.18
OXT ACT C . 12.62 -27.35 7.60
CH3 ACT C . 10.66 -27.91 6.45
N1 NET D . 14.53 -30.56 9.93
C1 NET D . 15.89 -30.53 9.28
C2 NET D . 17.15 -30.10 9.95
C3 NET D . 13.65 -30.64 8.73
C4 NET D . 12.43 -31.47 8.91
C5 NET D . 14.43 -31.82 10.68
C6 NET D . 15.57 -32.13 11.60
C7 NET D . 14.25 -29.27 10.57
C8 NET D . 12.77 -29.04 10.89
C ACT E . -5.24 29.66 -3.69
O ACT E . -4.83 30.61 -2.92
OXT ACT E . -4.47 28.86 -4.29
CH3 ACT E . -6.72 29.52 -3.97
N1 NET F . -4.55 34.75 -3.96
C1 NET F . -3.33 33.97 -4.22
C2 NET F . -3.43 32.64 -4.96
C3 NET F . -5.76 34.17 -4.59
C4 NET F . -6.26 32.98 -3.84
C5 NET F . -4.66 34.90 -2.47
C6 NET F . -3.67 35.77 -1.69
C7 NET F . -4.67 36.12 -4.58
C8 NET F . -3.52 37.06 -4.39
#